data_4EZO
#
_entry.id   4EZO
#
_cell.length_a   77.632
_cell.length_b   161.268
_cell.length_c   44.693
_cell.angle_alpha   90.00
_cell.angle_beta   90.00
_cell.angle_gamma   90.00
#
_symmetry.space_group_name_H-M   'P 21 21 2'
#
loop_
_entity.id
_entity.type
_entity.pdbx_description
1 polymer 'Chaperone protein DnaK'
2 polymer 'Antibacterial protein PR-39'
3 non-polymer 'SULFATE ION'
4 water water
#
loop_
_entity_poly.entity_id
_entity_poly.type
_entity_poly.pdbx_seq_one_letter_code
_entity_poly.pdbx_strand_id
1 'polypeptide(L)'
;VLLLDVTPLSLGIETMGGVMTTLIAKNTTIPTKHSQVFSTAEDNQSAVTIHVLQGERKRAADNKSLGQFNLDGINPAPRG
MPQIEVTFDIDADGILHVSAKDKNSGKEQKITIKASSGLNEDEIQKMVRDAEANAEADRKFEELVQTRNQGDHLLHSTRK
QVEEAGDKLPADDKTAIESALTALETALKGEDKAAIEAKMQELAQVSQKLMEIAQQQHA
;
A,B
2 'polypeptide(L)' RRRPRPPYLPRPRPP C,D
#
# COMPACT_ATOMS: atom_id res chain seq x y z
N VAL A 1 -36.37 5.15 -13.28
CA VAL A 1 -36.11 6.01 -12.08
C VAL A 1 -34.89 6.93 -12.34
N LEU A 2 -34.94 8.19 -11.87
CA LEU A 2 -33.82 9.12 -12.06
C LEU A 2 -32.97 9.12 -10.81
N LEU A 3 -33.37 8.42 -9.76
CA LEU A 3 -32.54 8.48 -8.51
C LEU A 3 -32.74 7.22 -7.76
N LEU A 4 -31.77 6.81 -6.97
CA LEU A 4 -31.99 5.67 -6.14
C LEU A 4 -30.82 5.56 -5.22
N ASP A 5 -30.99 4.77 -4.18
CA ASP A 5 -29.89 4.60 -3.21
C ASP A 5 -28.91 3.51 -3.56
N VAL A 6 -27.60 3.76 -3.33
CA VAL A 6 -26.64 2.74 -3.64
C VAL A 6 -25.69 2.80 -2.47
N THR A 7 -24.86 1.79 -2.31
CA THR A 7 -23.72 1.84 -1.37
C THR A 7 -22.56 2.34 -2.26
N PRO A 8 -21.88 3.41 -1.79
CA PRO A 8 -21.10 4.14 -2.77
C PRO A 8 -19.70 3.62 -2.98
N LEU A 9 -19.25 2.69 -2.08
CA LEU A 9 -17.94 2.02 -2.18
C LEU A 9 -18.07 0.51 -1.97
N SER A 10 -17.08 -0.24 -2.50
CA SER A 10 -17.08 -1.69 -2.30
C SER A 10 -16.91 -1.96 -0.80
N LEU A 11 -17.58 -3.03 -0.36
CA LEU A 11 -17.53 -3.53 1.03
C LEU A 11 -17.03 -4.98 0.96
N GLY A 12 -16.22 -5.41 1.93
CA GLY A 12 -15.73 -6.76 1.93
C GLY A 12 -14.89 -6.89 3.17
N ILE A 13 -14.07 -7.90 3.12
CA ILE A 13 -13.25 -8.29 4.23
C ILE A 13 -11.78 -8.39 3.96
N GLU A 14 -10.96 -8.42 5.04
CA GLU A 14 -9.57 -8.68 4.82
C GLU A 14 -9.36 -10.21 4.68
N THR A 15 -8.57 -10.61 3.67
CA THR A 15 -8.23 -12.02 3.50
C THR A 15 -6.70 -12.17 3.62
N MET A 16 -6.25 -13.42 3.68
CA MET A 16 -4.90 -13.79 3.92
C MET A 16 -3.88 -12.94 3.17
N GLY A 17 -2.88 -12.43 3.89
CA GLY A 17 -1.84 -11.60 3.23
C GLY A 17 -2.15 -10.10 3.14
N GLY A 18 -3.29 -9.66 3.71
CA GLY A 18 -3.54 -8.21 3.84
C GLY A 18 -4.22 -7.63 2.62
N VAL A 19 -5.06 -8.45 1.99
CA VAL A 19 -5.75 -8.11 0.78
C VAL A 19 -7.21 -7.79 1.15
N MET A 20 -7.85 -6.86 0.46
CA MET A 20 -9.31 -6.69 0.66
C MET A 20 -10.02 -7.50 -0.40
N THR A 21 -10.91 -8.40 0.03
CA THR A 21 -11.75 -9.14 -0.89
C THR A 21 -13.16 -8.57 -0.80
N THR A 22 -13.76 -8.24 -1.98
CA THR A 22 -15.02 -7.54 -2.01
C THR A 22 -16.19 -8.50 -1.94
N LEU A 23 -17.18 -8.17 -1.09
CA LEU A 23 -18.47 -8.92 -1.08
C LEU A 23 -19.54 -8.14 -1.86
N ILE A 24 -19.55 -6.80 -1.74
CA ILE A 24 -20.60 -6.01 -2.45
C ILE A 24 -19.84 -4.90 -3.21
N ALA A 25 -20.05 -4.83 -4.52
CA ALA A 25 -19.33 -3.89 -5.42
C ALA A 25 -19.81 -2.45 -5.19
N LYS A 26 -18.98 -1.47 -5.51
CA LYS A 26 -19.34 -0.06 -5.29
C LYS A 26 -20.52 0.24 -6.20
N ASN A 27 -21.40 1.15 -5.78
CA ASN A 27 -22.63 1.48 -6.60
C ASN A 27 -23.70 0.45 -6.72
N THR A 28 -23.57 -0.60 -5.92
CA THR A 28 -24.67 -1.61 -5.90
C THR A 28 -25.95 -1.00 -5.28
N THR A 29 -27.17 -1.14 -5.89
CA THR A 29 -28.32 -0.53 -5.28
C THR A 29 -28.66 -1.29 -4.01
N ILE A 30 -29.18 -0.57 -3.02
CA ILE A 30 -29.62 -1.17 -1.78
C ILE A 30 -31.16 -1.15 -1.68
N PRO A 31 -31.79 -2.08 -0.97
CA PRO A 31 -31.09 -3.07 -0.18
C PRO A 31 -30.45 -4.15 -1.05
N THR A 32 -29.45 -4.81 -0.50
CA THR A 32 -28.79 -5.91 -1.19
C THR A 32 -28.18 -6.90 -0.17
N LYS A 33 -27.85 -8.11 -0.64
CA LYS A 33 -27.24 -9.12 0.24
C LYS A 33 -26.30 -9.95 -0.62
N HIS A 34 -25.13 -10.36 -0.08
CA HIS A 34 -24.33 -11.31 -0.83
C HIS A 34 -23.53 -12.10 0.19
N SER A 35 -23.27 -13.37 -0.14
CA SER A 35 -22.53 -14.30 0.77
C SER A 35 -21.45 -14.92 -0.04
N GLN A 36 -20.36 -15.28 0.62
CA GLN A 36 -19.28 -15.99 -0.04
CA GLN A 36 -19.27 -15.99 -0.03
C GLN A 36 -18.65 -16.90 1.02
N VAL A 37 -18.31 -18.14 0.65
CA VAL A 37 -17.58 -19.03 1.62
C VAL A 37 -16.12 -18.77 1.59
N PHE A 38 -15.53 -18.76 2.77
CA PHE A 38 -14.12 -18.61 2.94
C PHE A 38 -13.63 -19.83 3.74
N SER A 39 -12.33 -19.97 3.83
CA SER A 39 -11.81 -21.06 4.62
C SER A 39 -10.66 -20.53 5.38
N THR A 40 -9.94 -21.44 6.00
CA THR A 40 -8.81 -21.11 6.86
C THR A 40 -7.55 -21.15 6.08
N ALA A 41 -6.75 -20.18 6.45
CA ALA A 41 -5.48 -19.91 5.94
C ALA A 41 -4.47 -21.08 6.06
N GLU A 42 -4.38 -21.74 7.24
CA GLU A 42 -3.35 -22.77 7.59
C GLU A 42 -4.01 -23.93 8.42
N ASP A 43 -3.27 -25.00 8.71
CA ASP A 43 -3.81 -26.20 9.39
C ASP A 43 -4.14 -25.94 10.87
N ASN A 44 -5.21 -26.53 11.38
CA ASN A 44 -5.55 -26.40 12.79
C ASN A 44 -5.97 -25.02 13.29
N GLN A 45 -6.50 -24.17 12.43
CA GLN A 45 -6.88 -22.85 12.83
C GLN A 45 -8.27 -22.90 13.43
N SER A 46 -8.40 -22.51 14.70
CA SER A 46 -9.70 -22.66 15.40
C SER A 46 -10.49 -21.31 15.50
N ALA A 47 -9.87 -20.20 15.08
CA ALA A 47 -10.54 -18.86 15.19
C ALA A 47 -10.14 -18.02 13.97
N VAL A 48 -11.06 -17.24 13.42
CA VAL A 48 -10.77 -16.35 12.33
C VAL A 48 -11.24 -14.96 12.77
N THR A 49 -10.65 -13.95 12.16
CA THR A 49 -11.08 -12.57 12.35
C THR A 49 -11.73 -12.08 11.09
N ILE A 50 -12.95 -11.54 11.22
CA ILE A 50 -13.65 -10.87 10.13
C ILE A 50 -13.43 -9.31 10.28
N HIS A 51 -12.60 -8.69 9.43
CA HIS A 51 -12.36 -7.23 9.51
CA HIS A 51 -12.31 -7.21 9.46
C HIS A 51 -13.13 -6.67 8.33
N VAL A 52 -14.14 -5.85 8.61
CA VAL A 52 -15.04 -5.36 7.58
C VAL A 52 -14.47 -4.04 7.03
N LEU A 53 -14.42 -3.90 5.68
CA LEU A 53 -13.73 -2.73 5.02
C LEU A 53 -14.60 -2.10 3.98
N GLN A 54 -14.43 -0.79 3.79
CA GLN A 54 -15.08 -0.05 2.76
C GLN A 54 -14.00 0.69 1.94
N GLY A 55 -14.03 0.46 0.62
CA GLY A 55 -13.08 1.20 -0.22
C GLY A 55 -12.72 0.39 -1.47
N GLU A 56 -11.88 0.98 -2.31
CA GLU A 56 -11.57 0.38 -3.65
C GLU A 56 -10.10 -0.07 -3.70
N ARG A 57 -9.36 -0.06 -2.60
CA ARG A 57 -7.97 -0.45 -2.73
C ARG A 57 -7.74 -1.96 -2.50
N LYS A 58 -6.70 -2.50 -3.10
CA LYS A 58 -6.45 -3.95 -2.97
C LYS A 58 -5.71 -4.23 -1.67
N ARG A 59 -4.95 -3.25 -1.19
CA ARG A 59 -4.33 -3.41 0.18
C ARG A 59 -5.41 -3.12 1.25
N ALA A 60 -5.65 -4.09 2.17
CA ALA A 60 -6.69 -3.91 3.21
C ALA A 60 -6.48 -2.66 4.02
N ALA A 61 -5.25 -2.47 4.46
CA ALA A 61 -4.82 -1.30 5.20
C ALA A 61 -5.16 0.04 4.54
N ASP A 62 -5.37 0.08 3.22
CA ASP A 62 -5.69 1.36 2.55
C ASP A 62 -7.17 1.70 2.57
N ASN A 63 -8.01 0.76 3.00
CA ASN A 63 -9.47 0.98 2.93
C ASN A 63 -9.96 1.45 4.29
N LYS A 64 -11.22 1.76 4.41
CA LYS A 64 -11.75 2.30 5.67
C LYS A 64 -12.29 1.13 6.55
N SER A 65 -11.78 0.95 7.78
CA SER A 65 -12.28 -0.10 8.66
C SER A 65 -13.66 0.25 9.18
N LEU A 66 -14.64 -0.64 8.96
CA LEU A 66 -15.98 -0.45 9.51
C LEU A 66 -16.20 -1.17 10.82
N GLY A 67 -15.26 -2.04 11.21
CA GLY A 67 -15.33 -2.79 12.51
C GLY A 67 -14.87 -4.23 12.21
N GLN A 68 -14.98 -5.10 13.21
CA GLN A 68 -14.43 -6.44 13.11
C GLN A 68 -14.95 -7.27 14.27
N PHE A 69 -14.78 -8.58 14.13
CA PHE A 69 -15.31 -9.52 15.08
C PHE A 69 -14.63 -10.83 14.78
N ASN A 70 -14.49 -11.63 15.81
CA ASN A 70 -13.86 -12.98 15.74
C ASN A 70 -14.87 -14.10 15.74
N LEU A 71 -14.52 -15.19 15.11
CA LEU A 71 -15.40 -16.38 15.11
C LEU A 71 -14.48 -17.50 15.60
N ASP A 72 -14.79 -18.05 16.79
CA ASP A 72 -13.97 -19.07 17.51
C ASP A 72 -14.73 -20.42 17.59
N GLY A 73 -14.05 -21.46 18.09
CA GLY A 73 -14.66 -22.84 18.18
C GLY A 73 -14.73 -23.70 16.91
N ILE A 74 -14.15 -23.22 15.80
CA ILE A 74 -13.97 -24.05 14.61
C ILE A 74 -13.13 -25.27 15.01
N ASN A 75 -13.55 -26.43 14.54
CA ASN A 75 -12.86 -27.65 14.88
C ASN A 75 -11.51 -27.61 14.13
N PRO A 76 -10.38 -27.79 14.83
CA PRO A 76 -9.12 -27.65 14.13
C PRO A 76 -8.97 -28.73 13.07
N ALA A 77 -8.63 -28.33 11.85
CA ALA A 77 -8.74 -29.20 10.68
C ALA A 77 -7.70 -28.71 9.66
N PRO A 78 -7.41 -29.56 8.65
CA PRO A 78 -6.52 -29.07 7.55
C PRO A 78 -6.96 -27.75 6.85
N ARG A 79 -5.96 -26.96 6.43
CA ARG A 79 -6.33 -25.69 5.78
C ARG A 79 -7.27 -26.00 4.64
N GLY A 80 -8.22 -25.12 4.39
CA GLY A 80 -9.14 -25.33 3.26
C GLY A 80 -10.37 -26.13 3.59
N MET A 81 -10.34 -26.84 4.71
CA MET A 81 -11.51 -27.62 5.08
C MET A 81 -12.70 -26.82 5.66
N PRO A 82 -12.46 -25.93 6.63
CA PRO A 82 -13.60 -25.16 7.22
C PRO A 82 -14.31 -24.37 6.14
N GLN A 83 -15.63 -24.41 6.20
CA GLN A 83 -16.50 -23.65 5.27
C GLN A 83 -17.17 -22.51 6.05
N ILE A 84 -16.58 -21.31 5.95
CA ILE A 84 -17.05 -20.15 6.72
C ILE A 84 -17.84 -19.23 5.81
N GLU A 85 -19.17 -19.28 5.95
CA GLU A 85 -20.03 -18.53 5.10
C GLU A 85 -20.08 -17.11 5.64
N VAL A 86 -19.69 -16.15 4.81
CA VAL A 86 -19.65 -14.68 5.21
C VAL A 86 -20.74 -14.01 4.45
N THR A 87 -21.63 -13.32 5.17
CA THR A 87 -22.81 -12.70 4.48
C THR A 87 -22.85 -11.20 4.82
N PHE A 88 -22.99 -10.35 3.79
CA PHE A 88 -23.09 -8.85 3.99
C PHE A 88 -24.53 -8.59 3.55
N ASP A 89 -25.33 -7.98 4.41
CA ASP A 89 -26.69 -7.60 4.02
C ASP A 89 -26.92 -6.14 4.37
N ILE A 90 -27.23 -5.34 3.35
CA ILE A 90 -27.55 -3.92 3.65
C ILE A 90 -29.04 -3.73 3.52
N ASP A 91 -29.66 -3.17 4.56
CA ASP A 91 -31.09 -3.00 4.50
C ASP A 91 -31.46 -1.64 3.85
N ALA A 92 -32.74 -1.38 3.71
CA ALA A 92 -33.23 -0.24 2.91
C ALA A 92 -32.85 1.08 3.56
N ASP A 93 -32.60 1.05 4.87
CA ASP A 93 -32.14 2.24 5.59
C ASP A 93 -30.62 2.32 5.65
N GLY A 94 -29.94 1.51 4.86
CA GLY A 94 -28.44 1.65 4.73
C GLY A 94 -27.69 0.99 5.86
N ILE A 95 -28.41 0.22 6.69
CA ILE A 95 -27.70 -0.39 7.82
C ILE A 95 -27.04 -1.72 7.38
N LEU A 96 -25.79 -1.95 7.78
CA LEU A 96 -25.06 -3.09 7.24
C LEU A 96 -24.98 -4.20 8.31
N HIS A 97 -25.44 -5.42 7.98
CA HIS A 97 -25.28 -6.56 8.90
C HIS A 97 -24.25 -7.53 8.35
N VAL A 98 -23.19 -7.86 9.08
CA VAL A 98 -22.21 -8.83 8.57
C VAL A 98 -22.20 -10.02 9.52
N SER A 99 -22.26 -11.25 8.98
CA SER A 99 -22.23 -12.45 9.85
C SER A 99 -21.25 -13.40 9.23
N ALA A 100 -20.63 -14.22 10.07
CA ALA A 100 -19.80 -15.36 9.52
C ALA A 100 -20.27 -16.62 10.29
N LYS A 101 -20.45 -17.75 9.59
CA LYS A 101 -20.93 -18.92 10.28
C LYS A 101 -20.12 -20.07 9.76
N ASP A 102 -19.55 -20.83 10.70
CA ASP A 102 -18.78 -22.02 10.36
C ASP A 102 -19.74 -23.19 10.14
N LYS A 103 -19.80 -23.71 8.90
CA LYS A 103 -20.83 -24.72 8.58
C LYS A 103 -20.71 -25.97 9.42
N ASN A 104 -19.49 -26.42 9.73
CA ASN A 104 -19.31 -27.70 10.44
C ASN A 104 -19.80 -27.57 11.90
N SER A 105 -19.42 -26.47 12.58
CA SER A 105 -19.76 -26.38 14.00
C SER A 105 -21.07 -25.70 14.22
N GLY A 106 -21.55 -24.98 13.18
CA GLY A 106 -22.65 -24.09 13.37
C GLY A 106 -22.34 -22.83 14.17
N LYS A 107 -21.12 -22.63 14.64
CA LYS A 107 -20.77 -21.39 15.38
C LYS A 107 -20.98 -20.16 14.45
N GLU A 108 -21.60 -19.08 14.95
CA GLU A 108 -21.83 -17.89 14.19
C GLU A 108 -21.57 -16.62 15.02
N GLN A 109 -21.14 -15.56 14.37
CA GLN A 109 -20.98 -14.30 15.08
C GLN A 109 -21.34 -13.22 14.07
N LYS A 110 -21.67 -12.02 14.55
CA LYS A 110 -22.27 -11.04 13.65
C LYS A 110 -22.04 -9.64 14.18
N ILE A 111 -22.13 -8.63 13.33
CA ILE A 111 -22.03 -7.24 13.79
C ILE A 111 -23.00 -6.38 13.02
N THR A 112 -23.40 -5.28 13.60
CA THR A 112 -24.29 -4.36 12.97
C THR A 112 -23.55 -3.02 12.82
N ILE A 113 -23.55 -2.46 11.61
CA ILE A 113 -22.78 -1.25 11.26
C ILE A 113 -23.77 -0.20 10.80
N LYS A 114 -23.80 0.92 11.55
CA LYS A 114 -24.72 2.02 11.27
C LYS A 114 -24.50 2.59 9.82
N ALA A 115 -25.58 3.07 9.24
CA ALA A 115 -25.58 3.62 7.90
C ALA A 115 -24.67 4.87 7.75
N SER A 116 -24.54 5.62 8.83
CA SER A 116 -23.69 6.84 8.84
C SER A 116 -22.20 6.54 8.94
N SER A 117 -21.81 5.28 9.22
CA SER A 117 -20.38 4.83 9.26
C SER A 117 -19.71 5.02 7.88
N GLY A 118 -18.39 5.04 7.89
CA GLY A 118 -17.54 5.00 6.71
C GLY A 118 -17.21 6.36 6.16
N LEU A 119 -16.94 6.42 4.88
CA LEU A 119 -16.36 7.61 4.30
C LEU A 119 -17.42 8.60 3.80
N ASN A 120 -17.16 9.92 3.92
CA ASN A 120 -18.08 10.95 3.43
C ASN A 120 -17.90 11.21 1.89
N GLU A 121 -18.67 12.14 1.29
CA GLU A 121 -18.71 12.31 -0.12
C GLU A 121 -17.34 12.64 -0.69
N ASP A 122 -16.63 13.52 -0.01
CA ASP A 122 -15.32 13.96 -0.44
C ASP A 122 -14.28 12.86 -0.28
N GLU A 123 -14.36 12.08 0.79
CA GLU A 123 -13.46 10.94 0.91
C GLU A 123 -13.74 9.80 -0.07
N ILE A 124 -15.00 9.68 -0.41
CA ILE A 124 -15.43 8.73 -1.44
C ILE A 124 -14.84 9.09 -2.79
N GLN A 125 -14.92 10.36 -3.18
CA GLN A 125 -14.33 10.80 -4.45
C GLN A 125 -12.81 10.60 -4.43
N LYS A 126 -12.17 10.94 -3.31
CA LYS A 126 -10.73 10.73 -3.20
C LYS A 126 -10.36 9.25 -3.32
N MET A 127 -11.12 8.40 -2.63
CA MET A 127 -10.94 6.92 -2.75
C MET A 127 -10.98 6.44 -4.19
N VAL A 128 -12.01 6.83 -4.95
CA VAL A 128 -12.15 6.41 -6.30
C VAL A 128 -10.96 6.93 -7.18
N ARG A 129 -10.63 8.21 -7.02
CA ARG A 129 -9.45 8.80 -7.73
C ARG A 129 -8.14 8.07 -7.34
N ASP A 130 -7.96 7.78 -6.06
CA ASP A 130 -6.69 7.22 -5.63
C ASP A 130 -6.54 5.77 -6.12
N ALA A 131 -7.67 5.06 -6.13
CA ALA A 131 -7.69 3.69 -6.64
C ALA A 131 -7.32 3.65 -8.12
N GLU A 132 -7.90 4.55 -8.88
CA GLU A 132 -7.62 4.61 -10.31
C GLU A 132 -6.16 5.01 -10.54
N ALA A 133 -5.63 5.96 -9.77
CA ALA A 133 -4.24 6.40 -9.90
C ALA A 133 -3.31 5.23 -9.54
N ASN A 134 -3.76 4.31 -8.68
CA ASN A 134 -2.90 3.26 -8.18
C ASN A 134 -3.26 1.89 -8.71
N ALA A 135 -4.03 1.85 -9.81
CA ALA A 135 -4.59 0.62 -10.33
C ALA A 135 -3.49 -0.40 -10.64
N GLU A 136 -2.43 0.03 -11.34
CA GLU A 136 -1.43 -0.92 -11.73
C GLU A 136 -0.72 -1.45 -10.47
N ALA A 137 -0.42 -0.56 -9.52
CA ALA A 137 0.37 -0.94 -8.30
C ALA A 137 -0.49 -1.91 -7.49
N ASP A 138 -1.82 -1.69 -7.49
CA ASP A 138 -2.69 -2.49 -6.55
C ASP A 138 -2.77 -3.89 -7.18
N ARG A 139 -2.81 -3.92 -8.51
CA ARG A 139 -2.77 -5.26 -9.22
C ARG A 139 -1.46 -6.01 -8.95
N LYS A 140 -0.32 -5.31 -9.08
CA LYS A 140 0.97 -5.91 -8.65
C LYS A 140 0.92 -6.40 -7.21
N PHE A 141 0.34 -5.60 -6.31
CA PHE A 141 0.24 -6.05 -4.92
C PHE A 141 -0.55 -7.34 -4.75
N GLU A 142 -1.70 -7.42 -5.42
CA GLU A 142 -2.56 -8.55 -5.31
C GLU A 142 -1.90 -9.79 -5.93
N GLU A 143 -1.25 -9.66 -7.07
CA GLU A 143 -0.39 -10.75 -7.59
C GLU A 143 0.70 -11.19 -6.63
N LEU A 144 1.37 -10.22 -6.02
CA LEU A 144 2.42 -10.56 -5.06
C LEU A 144 1.87 -11.39 -3.90
N VAL A 145 0.75 -10.95 -3.34
CA VAL A 145 0.19 -11.68 -2.17
C VAL A 145 -0.32 -13.06 -2.59
N GLN A 146 -0.90 -13.19 -3.82
CA GLN A 146 -1.28 -14.53 -4.23
C GLN A 146 -0.06 -15.46 -4.31
N THR A 147 1.03 -14.95 -4.83
CA THR A 147 2.29 -15.74 -4.93
C THR A 147 2.83 -15.97 -3.52
N ARG A 148 2.76 -14.98 -2.65
CA ARG A 148 3.26 -15.20 -1.26
C ARG A 148 2.44 -16.29 -0.52
N ASN A 149 1.13 -16.31 -0.77
CA ASN A 149 0.26 -17.23 -0.05
C ASN A 149 0.60 -18.62 -0.58
N GLN A 150 0.76 -18.75 -1.91
CA GLN A 150 1.20 -20.05 -2.51
C GLN A 150 2.50 -20.52 -1.91
N GLY A 151 3.50 -19.64 -1.86
CA GLY A 151 4.81 -19.92 -1.24
C GLY A 151 4.73 -20.32 0.21
N ASP A 152 3.90 -19.60 0.97
CA ASP A 152 3.70 -19.91 2.39
C ASP A 152 3.15 -21.33 2.55
N HIS A 153 2.23 -21.72 1.67
CA HIS A 153 1.60 -23.01 1.73
C HIS A 153 2.53 -24.11 1.30
N LEU A 154 3.52 -23.79 0.44
CA LEU A 154 4.53 -24.72 -0.03
C LEU A 154 5.59 -24.95 1.03
N LEU A 155 5.87 -23.93 1.82
CA LEU A 155 6.71 -24.04 3.02
C LEU A 155 6.10 -25.03 4.05
N HIS A 156 4.84 -24.86 4.41
CA HIS A 156 4.20 -25.74 5.40
C HIS A 156 3.99 -27.14 4.90
N SER A 157 3.52 -27.25 3.66
CA SER A 157 3.32 -28.52 2.97
C SER A 157 4.63 -29.31 2.89
N THR A 158 5.70 -28.66 2.41
CA THR A 158 7.02 -29.28 2.39
C THR A 158 7.49 -29.72 3.79
N ARG A 159 7.43 -28.82 4.78
CA ARG A 159 7.88 -29.16 6.15
C ARG A 159 7.18 -30.40 6.76
N LYS A 160 5.85 -30.45 6.59
CA LYS A 160 4.99 -31.56 7.00
C LYS A 160 5.37 -32.87 6.29
N GLN A 161 5.85 -32.76 5.05
CA GLN A 161 6.39 -33.94 4.34
C GLN A 161 7.76 -34.40 4.79
N VAL A 162 8.54 -33.52 5.41
CA VAL A 162 9.76 -33.98 6.05
C VAL A 162 9.51 -34.73 7.39
N GLU A 163 8.65 -34.18 8.23
CA GLU A 163 8.35 -34.83 9.48
C GLU A 163 7.28 -35.89 9.37
N GLU A 164 7.07 -36.41 8.17
CA GLU A 164 6.31 -37.61 8.03
C GLU A 164 7.02 -38.50 7.02
N ALA A 165 8.31 -38.22 6.81
CA ALA A 165 9.12 -39.13 5.99
C ALA A 165 10.39 -39.65 6.68
N GLY A 166 10.84 -38.97 7.74
CA GLY A 166 12.02 -39.39 8.53
C GLY A 166 13.23 -39.91 7.77
N ASP A 167 13.60 -41.16 8.05
CA ASP A 167 14.79 -41.81 7.47
C ASP A 167 14.68 -42.09 5.98
N LYS A 168 13.45 -42.35 5.53
CA LYS A 168 13.20 -42.74 4.13
C LYS A 168 13.65 -41.67 3.14
N LEU A 169 13.82 -40.45 3.64
CA LEU A 169 14.40 -39.35 2.87
C LEU A 169 15.94 -39.33 3.04
N PRO A 170 16.70 -39.47 1.91
CA PRO A 170 18.17 -39.46 1.88
C PRO A 170 18.79 -38.18 2.45
N ALA A 171 19.77 -38.34 3.35
CA ALA A 171 20.38 -37.21 4.11
C ALA A 171 20.63 -35.94 3.29
N ASP A 172 21.27 -36.07 2.14
CA ASP A 172 21.63 -34.89 1.33
C ASP A 172 20.51 -34.32 0.42
N ASP A 173 19.44 -35.08 0.19
CA ASP A 173 18.19 -34.54 -0.36
C ASP A 173 17.60 -33.60 0.67
N LYS A 174 17.43 -34.14 1.88
CA LYS A 174 16.92 -33.38 3.02
C LYS A 174 17.72 -32.08 3.33
N THR A 175 19.05 -32.16 3.23
CA THR A 175 19.88 -30.94 3.36
C THR A 175 19.48 -29.89 2.35
N ALA A 176 19.50 -30.29 1.08
CA ALA A 176 19.19 -29.38 -0.02
C ALA A 176 17.79 -28.78 0.14
N ILE A 177 16.84 -29.62 0.52
CA ILE A 177 15.48 -29.20 0.81
C ILE A 177 15.43 -28.23 1.98
N GLU A 178 16.23 -28.49 3.01
CA GLU A 178 16.34 -27.58 4.15
C GLU A 178 16.87 -26.21 3.79
N SER A 179 18.01 -26.18 3.12
CA SER A 179 18.60 -24.96 2.57
C SER A 179 17.63 -24.21 1.61
N ALA A 180 16.93 -24.93 0.72
CA ALA A 180 15.98 -24.29 -0.20
C ALA A 180 14.76 -23.66 0.48
N LEU A 181 14.36 -24.24 1.61
CA LEU A 181 13.24 -23.73 2.38
C LEU A 181 13.57 -22.38 3.00
N THR A 182 14.81 -22.24 3.42
CA THR A 182 15.26 -21.00 4.01
C THR A 182 15.31 -19.89 2.95
N ALA A 183 15.83 -20.24 1.77
CA ALA A 183 15.93 -19.27 0.69
C ALA A 183 14.47 -18.87 0.34
N LEU A 184 13.52 -19.81 0.35
CA LEU A 184 12.14 -19.42 -0.01
C LEU A 184 11.54 -18.53 1.08
N GLU A 185 11.87 -18.86 2.32
CA GLU A 185 11.35 -18.12 3.47
C GLU A 185 11.78 -16.65 3.41
N THR A 186 13.02 -16.43 3.03
CA THR A 186 13.54 -15.08 2.86
C THR A 186 12.87 -14.33 1.72
N ALA A 187 12.75 -14.99 0.55
CA ALA A 187 12.16 -14.38 -0.62
C ALA A 187 10.76 -13.93 -0.28
N LEU A 188 10.05 -14.68 0.55
CA LEU A 188 8.64 -14.43 0.92
C LEU A 188 8.42 -13.11 1.63
N LYS A 189 9.42 -12.69 2.41
CA LYS A 189 9.34 -11.39 3.10
C LYS A 189 9.60 -10.19 2.22
N GLY A 190 10.15 -10.43 1.03
CA GLY A 190 10.35 -9.32 0.11
C GLY A 190 9.11 -9.10 -0.75
N GLU A 191 9.24 -8.15 -1.65
CA GLU A 191 8.17 -7.76 -2.53
C GLU A 191 8.32 -8.05 -4.03
N ASP A 192 9.19 -8.99 -4.35
CA ASP A 192 9.46 -9.27 -5.77
C ASP A 192 8.84 -10.63 -6.08
N LYS A 193 7.76 -10.63 -6.84
CA LYS A 193 7.01 -11.84 -7.10
C LYS A 193 7.90 -12.94 -7.80
N ALA A 194 8.64 -12.50 -8.81
CA ALA A 194 9.44 -13.43 -9.61
C ALA A 194 10.47 -14.08 -8.66
N ALA A 195 11.04 -13.29 -7.74
CA ALA A 195 12.09 -13.87 -6.86
C ALA A 195 11.53 -15.00 -5.99
N ILE A 196 10.27 -14.84 -5.58
CA ILE A 196 9.62 -15.84 -4.77
C ILE A 196 9.33 -17.08 -5.62
N GLU A 197 8.76 -16.90 -6.81
CA GLU A 197 8.56 -18.03 -7.72
C GLU A 197 9.85 -18.74 -8.07
N ALA A 198 10.94 -17.99 -8.26
CA ALA A 198 12.25 -18.62 -8.55
C ALA A 198 12.66 -19.47 -7.36
N LYS A 199 12.43 -18.99 -6.11
CA LYS A 199 12.83 -19.83 -4.93
C LYS A 199 11.94 -21.06 -4.77
N MET A 200 10.67 -20.96 -5.19
CA MET A 200 9.77 -22.13 -5.21
C MET A 200 10.27 -23.18 -6.24
N GLN A 201 10.59 -22.70 -7.45
CA GLN A 201 11.23 -23.54 -8.49
C GLN A 201 12.46 -24.28 -7.98
N GLU A 202 13.37 -23.52 -7.38
CA GLU A 202 14.60 -24.13 -6.90
C GLU A 202 14.28 -25.24 -5.88
N LEU A 203 13.28 -24.98 -5.05
CA LEU A 203 12.87 -26.01 -4.07
C LEU A 203 12.21 -27.25 -4.72
N ALA A 204 11.40 -27.04 -5.75
CA ALA A 204 10.74 -28.12 -6.48
C ALA A 204 11.79 -29.05 -7.15
N GLN A 205 12.90 -28.46 -7.58
CA GLN A 205 13.98 -29.15 -8.28
C GLN A 205 14.79 -29.98 -7.32
N VAL A 206 14.67 -29.63 -6.05
CA VAL A 206 15.44 -30.28 -5.00
C VAL A 206 14.51 -31.23 -4.21
N SER A 207 13.22 -31.23 -4.53
CA SER A 207 12.24 -32.01 -3.73
C SER A 207 11.78 -33.31 -4.40
N GLN A 208 12.44 -33.66 -5.50
CA GLN A 208 12.37 -34.96 -6.17
C GLN A 208 11.89 -36.12 -5.31
N LYS A 209 12.81 -36.56 -4.44
CA LYS A 209 12.71 -37.83 -3.75
C LYS A 209 11.61 -37.90 -2.68
N LEU A 210 10.82 -36.83 -2.55
CA LEU A 210 9.92 -36.70 -1.41
C LEU A 210 8.40 -37.02 -1.65
N MET A 211 8.08 -38.17 -2.28
CA MET A 211 6.67 -38.66 -2.28
C MET A 211 6.49 -39.91 -1.39
N VAL B 1 12.51 4.52 35.09
CA VAL B 1 11.14 3.97 34.74
C VAL B 1 11.18 2.65 33.97
N LEU B 2 10.11 1.83 34.11
CA LEU B 2 10.04 0.55 33.45
C LEU B 2 8.94 0.73 32.46
N LEU B 3 8.32 1.87 32.44
CA LEU B 3 7.16 2.02 31.51
C LEU B 3 7.31 3.40 30.91
N LEU B 4 7.10 3.54 29.57
CA LEU B 4 7.16 4.85 28.99
C LEU B 4 6.05 4.85 27.97
N ASP B 5 5.27 5.90 27.93
CA ASP B 5 4.21 6.09 26.88
C ASP B 5 4.83 6.73 25.63
N VAL B 6 4.76 6.03 24.46
CA VAL B 6 5.59 6.33 23.28
C VAL B 6 4.71 6.21 22.08
N THR B 7 5.09 6.85 20.99
CA THR B 7 4.35 6.53 19.74
C THR B 7 5.10 5.26 19.24
N PRO B 8 4.35 4.20 18.97
CA PRO B 8 5.06 2.93 18.74
C PRO B 8 5.74 2.70 17.37
N LEU B 9 5.40 3.54 16.40
CA LEU B 9 5.84 3.50 15.03
C LEU B 9 6.17 4.93 14.56
N SER B 10 7.02 5.01 13.53
CA SER B 10 7.40 6.29 13.00
C SER B 10 6.21 6.89 12.32
N LEU B 11 6.13 8.23 12.42
CA LEU B 11 5.07 9.01 11.80
C LEU B 11 5.68 9.97 10.81
N GLY B 12 5.08 10.14 9.63
CA GLY B 12 5.70 11.06 8.70
C GLY B 12 4.78 11.26 7.48
N ILE B 13 5.31 11.74 6.36
CA ILE B 13 4.45 11.99 5.21
C ILE B 13 5.09 11.43 3.91
N GLU B 14 4.27 11.21 2.93
CA GLU B 14 4.71 10.79 1.60
C GLU B 14 5.37 11.90 0.84
N THR B 15 6.53 11.62 0.22
CA THR B 15 7.23 12.65 -0.52
C THR B 15 7.49 12.04 -1.89
N MET B 16 7.90 12.90 -2.80
CA MET B 16 7.95 12.62 -4.23
C MET B 16 8.55 11.23 -4.55
N GLY B 17 7.85 10.46 -5.37
CA GLY B 17 8.29 9.10 -5.83
C GLY B 17 7.88 7.99 -4.84
N GLY B 18 6.96 8.29 -3.92
CA GLY B 18 6.36 7.23 -3.12
C GLY B 18 7.23 6.85 -1.92
N VAL B 19 7.95 7.83 -1.41
CA VAL B 19 8.85 7.66 -0.23
C VAL B 19 8.18 8.13 1.04
N MET B 20 8.40 7.44 2.17
CA MET B 20 7.95 8.06 3.46
C MET B 20 9.14 8.79 4.05
N THR B 21 8.93 10.09 4.37
CA THR B 21 9.85 10.92 5.15
C THR B 21 9.32 11.05 6.57
N THR B 22 10.16 10.67 7.53
CA THR B 22 9.74 10.57 8.90
C THR B 22 9.87 11.95 9.58
N LEU B 23 8.84 12.33 10.33
CA LEU B 23 8.87 13.52 11.23
C LEU B 23 9.05 13.11 12.70
N ILE B 24 8.42 12.02 13.15
CA ILE B 24 8.63 11.56 14.56
C ILE B 24 9.10 10.10 14.56
N ALA B 25 10.22 9.78 15.22
CA ALA B 25 10.70 8.41 15.11
C ALA B 25 9.85 7.51 15.95
N LYS B 26 9.84 6.20 15.63
CA LYS B 26 9.24 5.19 16.50
C LYS B 26 9.80 5.30 17.87
N ASN B 27 8.97 5.02 18.84
CA ASN B 27 9.38 5.02 20.25
C ASN B 27 9.71 6.36 20.89
N THR B 28 9.26 7.43 20.25
CA THR B 28 9.47 8.74 20.82
C THR B 28 8.44 8.92 21.98
N THR B 29 8.87 9.44 23.10
CA THR B 29 7.90 9.60 24.20
C THR B 29 6.94 10.74 23.95
N ILE B 30 5.68 10.57 24.38
CA ILE B 30 4.73 11.61 24.22
C ILE B 30 4.61 12.45 25.50
N PRO B 31 4.25 13.76 25.38
CA PRO B 31 3.82 14.56 24.21
C PRO B 31 5.12 14.88 23.44
N THR B 32 5.00 15.18 22.17
CA THR B 32 6.20 15.52 21.40
C THR B 32 5.75 16.35 20.21
N LYS B 33 6.64 17.15 19.62
CA LYS B 33 6.30 17.85 18.37
C LYS B 33 7.57 17.96 17.54
N HIS B 34 7.42 18.00 16.22
CA HIS B 34 8.53 18.26 15.36
C HIS B 34 7.97 18.81 14.05
N SER B 35 8.80 19.62 13.40
CA SER B 35 8.49 20.33 12.18
C SER B 35 9.62 20.12 11.21
N GLN B 36 9.34 20.19 9.92
CA GLN B 36 10.40 20.08 8.94
C GLN B 36 9.86 20.81 7.74
N VAL B 37 10.74 21.48 7.01
CA VAL B 37 10.34 22.18 5.77
C VAL B 37 10.38 21.30 4.53
N PHE B 38 9.31 21.35 3.73
CA PHE B 38 9.26 20.65 2.44
C PHE B 38 9.03 21.66 1.30
N SER B 39 9.13 21.21 0.04
CA SER B 39 8.87 22.09 -1.09
C SER B 39 8.04 21.37 -2.14
N THR B 40 7.83 22.04 -3.27
CA THR B 40 7.05 21.48 -4.33
C THR B 40 7.95 20.57 -5.22
N ALA B 41 7.30 19.54 -5.80
CA ALA B 41 7.94 18.54 -6.69
C ALA B 41 8.20 19.02 -8.13
N GLU B 42 7.30 19.87 -8.69
CA GLU B 42 7.38 20.42 -10.08
C GLU B 42 7.26 21.93 -10.14
N ASP B 43 7.81 22.53 -11.20
CA ASP B 43 7.72 24.00 -11.42
C ASP B 43 6.31 24.42 -11.42
N ASN B 44 6.01 25.51 -10.71
CA ASN B 44 4.65 26.13 -10.74
C ASN B 44 3.53 25.34 -10.07
N GLN B 45 3.93 24.37 -9.26
CA GLN B 45 2.96 23.54 -8.55
C GLN B 45 2.14 24.46 -7.63
N SER B 46 0.81 24.36 -7.69
CA SER B 46 -0.01 25.33 -6.98
C SER B 46 -0.58 24.74 -5.66
N ALA B 47 -0.45 23.44 -5.47
CA ALA B 47 -1.00 22.75 -4.28
C ALA B 47 -0.14 21.53 -3.95
N VAL B 48 -0.09 21.15 -2.67
CA VAL B 48 0.58 19.93 -2.23
C VAL B 48 -0.38 19.07 -1.43
N THR B 49 -0.19 17.74 -1.46
CA THR B 49 -1.06 16.85 -0.68
C THR B 49 -0.15 16.37 0.43
N ILE B 50 -0.68 16.43 1.65
CA ILE B 50 0.03 15.98 2.80
C ILE B 50 -0.62 14.62 3.15
N HIS B 51 0.05 13.48 2.82
CA HIS B 51 -0.47 12.10 3.13
CA HIS B 51 -0.46 12.14 3.14
C HIS B 51 0.26 11.67 4.36
N VAL B 52 -0.48 11.52 5.47
CA VAL B 52 0.16 11.22 6.78
C VAL B 52 0.27 9.68 6.94
N LEU B 53 1.43 9.15 7.33
CA LEU B 53 1.70 7.73 7.27
C LEU B 53 2.28 7.26 8.58
N GLN B 54 1.98 6.02 9.00
CA GLN B 54 2.60 5.41 10.20
C GLN B 54 3.31 4.13 9.78
N GLY B 55 4.57 3.99 10.13
CA GLY B 55 5.27 2.78 9.69
C GLY B 55 6.74 2.96 9.54
N GLU B 56 7.42 1.85 9.29
CA GLU B 56 8.89 1.89 9.32
C GLU B 56 9.46 1.70 7.91
N ARG B 57 8.59 1.49 6.90
CA ARG B 57 9.09 1.19 5.55
C ARG B 57 9.48 2.48 4.84
N LYS B 58 10.51 2.41 3.98
CA LYS B 58 10.78 3.60 3.15
C LYS B 58 9.81 3.75 1.99
N ARG B 59 9.19 2.66 1.56
CA ARG B 59 8.12 2.72 0.53
C ARG B 59 6.82 3.14 1.27
N ALA B 60 6.34 4.36 0.97
CA ALA B 60 5.09 4.94 1.50
C ALA B 60 3.93 3.96 1.39
N ALA B 61 3.84 3.23 0.28
CA ALA B 61 2.70 2.32 -0.01
C ALA B 61 2.63 1.19 1.01
N ASP B 62 3.77 0.83 1.64
CA ASP B 62 3.77 -0.20 2.67
C ASP B 62 3.59 0.30 4.09
N ASN B 63 3.31 1.59 4.27
CA ASN B 63 3.02 2.11 5.61
C ASN B 63 1.51 2.34 5.73
N LYS B 64 1.05 2.59 6.95
CA LYS B 64 -0.39 2.75 7.23
C LYS B 64 -0.71 4.23 7.04
N SER B 65 -1.62 4.45 6.12
CA SER B 65 -2.18 5.77 5.91
C SER B 65 -3.07 6.20 7.05
N LEU B 66 -2.87 7.42 7.55
CA LEU B 66 -3.67 7.95 8.66
C LEU B 66 -4.61 9.07 8.28
N GLY B 67 -4.43 9.64 7.10
CA GLY B 67 -5.23 10.78 6.74
C GLY B 67 -4.46 11.57 5.70
N GLN B 68 -5.11 12.54 5.09
CA GLN B 68 -4.46 13.37 4.05
C GLN B 68 -5.29 14.66 3.93
N PHE B 69 -4.64 15.75 3.56
CA PHE B 69 -5.28 17.03 3.31
C PHE B 69 -4.42 17.73 2.26
N ASN B 70 -4.99 18.67 1.50
CA ASN B 70 -4.23 19.47 0.56
C ASN B 70 -4.00 20.86 1.07
N LEU B 71 -2.93 21.50 0.63
CA LEU B 71 -2.67 22.91 0.95
C LEU B 71 -2.59 23.54 -0.43
N ASP B 72 -3.50 24.47 -0.69
CA ASP B 72 -3.64 25.06 -2.01
C ASP B 72 -3.06 26.50 -1.96
N GLY B 73 -3.00 27.16 -3.11
CA GLY B 73 -2.61 28.60 -3.15
C GLY B 73 -1.09 28.88 -3.12
N ILE B 74 -0.27 27.90 -3.44
CA ILE B 74 1.16 28.15 -3.54
C ILE B 74 1.40 28.96 -4.81
N ASN B 75 2.10 30.09 -4.68
CA ASN B 75 2.31 30.97 -5.80
C ASN B 75 3.35 30.36 -6.76
N PRO B 76 3.28 30.67 -8.05
CA PRO B 76 4.19 30.09 -9.06
C PRO B 76 5.63 30.29 -8.60
N ALA B 77 6.44 29.25 -8.74
CA ALA B 77 7.86 29.30 -8.43
C ALA B 77 8.54 28.09 -9.05
N PRO B 78 9.84 28.21 -9.27
CA PRO B 78 10.51 26.95 -9.63
C PRO B 78 10.40 25.87 -8.51
N ARG B 79 10.51 24.59 -8.88
CA ARG B 79 10.29 23.51 -7.93
C ARG B 79 11.41 23.61 -6.91
N GLY B 80 11.15 23.23 -5.65
CA GLY B 80 12.17 23.29 -4.61
C GLY B 80 12.31 24.64 -3.89
N MET B 81 11.68 25.68 -4.42
CA MET B 81 11.83 27.00 -3.84
CA MET B 81 11.74 27.08 -3.90
C MET B 81 10.72 27.36 -2.78
N PRO B 82 9.42 27.03 -3.02
CA PRO B 82 8.49 27.33 -1.94
C PRO B 82 8.94 26.67 -0.60
N GLN B 83 8.58 27.26 0.52
CA GLN B 83 8.86 26.64 1.84
C GLN B 83 7.55 26.25 2.54
N ILE B 84 7.29 24.94 2.60
CA ILE B 84 6.06 24.41 3.18
C ILE B 84 6.49 23.75 4.50
N GLU B 85 6.11 24.38 5.58
CA GLU B 85 6.46 23.95 6.89
C GLU B 85 5.43 22.93 7.39
N VAL B 86 5.91 21.71 7.69
CA VAL B 86 5.03 20.62 8.18
C VAL B 86 5.31 20.37 9.62
N THR B 87 4.25 20.40 10.43
CA THR B 87 4.41 20.20 11.86
C THR B 87 3.54 19.04 12.33
N PHE B 88 4.13 18.12 13.10
CA PHE B 88 3.36 17.03 13.74
C PHE B 88 3.41 17.29 15.21
N ASP B 89 2.26 17.27 15.88
CA ASP B 89 2.28 17.46 17.32
C ASP B 89 1.40 16.36 17.94
N ILE B 90 1.94 15.59 18.86
CA ILE B 90 1.13 14.60 19.57
C ILE B 90 1.01 15.05 20.98
N ASP B 91 -0.23 15.24 21.41
CA ASP B 91 -0.47 15.70 22.72
C ASP B 91 -0.49 14.57 23.72
N ALA B 92 -0.69 14.92 24.98
CA ALA B 92 -0.60 13.94 26.03
C ALA B 92 -1.75 12.92 25.95
N ASP B 93 -2.76 13.22 25.13
CA ASP B 93 -3.89 12.30 24.91
C ASP B 93 -3.70 11.37 23.70
N GLY B 94 -2.57 11.52 23.00
CA GLY B 94 -2.21 10.65 21.89
C GLY B 94 -2.89 11.12 20.60
N ILE B 95 -3.57 12.25 20.62
CA ILE B 95 -4.11 12.93 19.43
C ILE B 95 -3.00 13.56 18.59
N LEU B 96 -3.00 13.25 17.29
CA LEU B 96 -1.99 13.76 16.39
C LEU B 96 -2.53 14.93 15.62
N HIS B 97 -1.84 16.09 15.77
CA HIS B 97 -2.20 17.27 14.96
C HIS B 97 -1.19 17.49 13.86
N VAL B 98 -1.59 17.59 12.61
CA VAL B 98 -0.54 17.81 11.58
C VAL B 98 -1.00 19.10 10.87
N SER B 99 -0.08 20.03 10.65
CA SER B 99 -0.41 21.23 9.86
C SER B 99 0.63 21.45 8.80
N ALA B 100 0.23 22.14 7.71
CA ALA B 100 1.22 22.59 6.74
C ALA B 100 1.01 24.07 6.49
N LYS B 101 2.09 24.84 6.44
CA LYS B 101 1.98 26.26 6.23
C LYS B 101 2.98 26.72 5.17
N ASP B 102 2.50 27.53 4.25
CA ASP B 102 3.29 28.05 3.16
C ASP B 102 3.74 29.42 3.65
N LYS B 103 5.05 29.59 3.74
CA LYS B 103 5.65 30.77 4.34
C LYS B 103 5.51 32.03 3.46
N ASN B 104 5.57 31.86 2.14
CA ASN B 104 5.28 32.95 1.23
C ASN B 104 3.83 33.35 1.25
N SER B 105 2.91 32.41 1.08
CA SER B 105 1.51 32.79 0.94
C SER B 105 0.86 33.02 2.29
N GLY B 106 1.47 32.54 3.39
CA GLY B 106 0.81 32.63 4.70
C GLY B 106 -0.30 31.58 4.88
N LYS B 107 -0.65 30.83 3.85
CA LYS B 107 -1.79 29.89 3.95
C LYS B 107 -1.46 28.63 4.73
N GLU B 108 -2.45 28.07 5.41
CA GLU B 108 -2.20 26.93 6.27
C GLU B 108 -3.41 26.04 6.24
N GLN B 109 -3.18 24.74 6.33
CA GLN B 109 -4.23 23.75 6.53
C GLN B 109 -3.76 22.75 7.55
N LYS B 110 -4.73 22.10 8.17
CA LYS B 110 -4.40 21.16 9.23
C LYS B 110 -5.41 20.04 9.36
N ILE B 111 -5.00 18.93 9.99
CA ILE B 111 -5.97 17.86 10.33
C ILE B 111 -5.68 17.39 11.74
N THR B 112 -6.68 16.79 12.38
CA THR B 112 -6.57 16.09 13.65
C THR B 112 -6.84 14.60 13.41
N ILE B 113 -5.99 13.78 13.97
CA ILE B 113 -6.01 12.32 13.79
C ILE B 113 -6.10 11.70 15.19
N LYS B 114 -7.17 10.97 15.45
CA LYS B 114 -7.47 10.59 16.84
C LYS B 114 -6.49 9.45 17.26
N ALA B 115 -6.38 9.24 18.57
CA ALA B 115 -5.33 8.40 19.18
C ALA B 115 -5.48 6.93 18.81
N SER B 116 -6.69 6.49 18.52
CA SER B 116 -6.89 5.07 18.21
C SER B 116 -6.56 4.75 16.73
N SER B 117 -6.21 5.78 15.94
CA SER B 117 -5.91 5.56 14.51
C SER B 117 -4.68 4.72 14.31
N GLY B 118 -4.54 4.18 13.09
CA GLY B 118 -3.35 3.46 12.65
C GLY B 118 -3.29 1.96 13.02
N LEU B 119 -2.08 1.43 13.20
CA LEU B 119 -1.97 -0.04 13.42
C LEU B 119 -2.20 -0.46 14.88
N ASN B 120 -2.86 -1.61 15.06
CA ASN B 120 -3.06 -2.15 16.40
C ASN B 120 -1.76 -2.83 16.86
N GLU B 121 -1.74 -3.32 18.10
CA GLU B 121 -0.54 -4.01 18.61
C GLU B 121 0.07 -5.19 17.79
N ASP B 122 -0.77 -6.09 17.28
CA ASP B 122 -0.27 -7.17 16.38
C ASP B 122 0.43 -6.65 15.13
N GLU B 123 -0.17 -5.64 14.53
CA GLU B 123 0.33 -5.08 13.28
C GLU B 123 1.64 -4.29 13.50
N ILE B 124 1.81 -3.80 14.72
CA ILE B 124 3.01 -3.00 15.03
C ILE B 124 4.22 -3.95 15.01
N GLN B 125 4.12 -5.12 15.66
CA GLN B 125 5.23 -6.11 15.71
C GLN B 125 5.57 -6.62 14.27
N LYS B 126 4.54 -6.93 13.53
CA LYS B 126 4.61 -7.27 12.11
C LYS B 126 5.38 -6.21 11.27
N MET B 127 5.03 -4.93 11.50
CA MET B 127 5.58 -3.80 10.74
C MET B 127 7.07 -3.70 11.03
N VAL B 128 7.43 -3.81 12.30
CA VAL B 128 8.86 -3.76 12.66
C VAL B 128 9.74 -4.88 12.00
N ARG B 129 9.30 -6.12 12.09
CA ARG B 129 10.03 -7.24 11.50
C ARG B 129 10.07 -7.15 9.97
N ASP B 130 8.98 -6.76 9.35
CA ASP B 130 8.88 -6.46 7.90
C ASP B 130 9.91 -5.39 7.44
N ALA B 131 10.03 -4.28 8.17
CA ALA B 131 11.06 -3.28 7.84
C ALA B 131 12.48 -3.82 8.04
N GLU B 132 12.71 -4.60 9.11
CA GLU B 132 14.00 -5.26 9.25
C GLU B 132 14.29 -6.21 8.05
N ALA B 133 13.32 -7.03 7.68
CA ALA B 133 13.55 -8.01 6.59
C ALA B 133 13.81 -7.25 5.25
N ASN B 134 13.23 -6.04 5.15
CA ASN B 134 13.31 -5.25 3.90
C ASN B 134 14.29 -4.05 3.95
N ALA B 135 15.21 -4.03 4.94
CA ALA B 135 16.13 -2.87 5.13
C ALA B 135 16.94 -2.58 3.82
N GLU B 136 17.61 -3.63 3.33
CA GLU B 136 18.40 -3.51 2.11
CA GLU B 136 18.41 -3.55 2.10
C GLU B 136 17.57 -3.22 0.83
N ALA B 137 16.42 -3.89 0.64
CA ALA B 137 15.53 -3.53 -0.48
C ALA B 137 15.09 -2.04 -0.42
N ASP B 138 14.82 -1.56 0.79
CA ASP B 138 14.33 -0.19 0.93
C ASP B 138 15.46 0.78 0.61
N ARG B 139 16.71 0.43 0.97
CA ARG B 139 17.89 1.27 0.59
C ARG B 139 18.03 1.36 -0.92
N LYS B 140 17.80 0.25 -1.63
CA LYS B 140 17.79 0.24 -3.12
C LYS B 140 16.58 1.01 -3.69
N PHE B 141 15.41 0.92 -3.04
CA PHE B 141 14.27 1.72 -3.45
C PHE B 141 14.57 3.23 -3.43
N GLU B 142 15.22 3.68 -2.36
CA GLU B 142 15.54 5.09 -2.19
C GLU B 142 16.51 5.58 -3.25
N GLU B 143 17.42 4.69 -3.67
CA GLU B 143 18.26 5.00 -4.81
C GLU B 143 17.47 5.11 -6.10
N LEU B 144 16.63 4.11 -6.31
CA LEU B 144 15.76 4.12 -7.49
C LEU B 144 14.94 5.39 -7.56
N VAL B 145 14.28 5.78 -6.46
CA VAL B 145 13.55 7.07 -6.41
C VAL B 145 14.38 8.34 -6.68
N GLN B 146 15.61 8.46 -6.21
CA GLN B 146 16.40 9.61 -6.61
C GLN B 146 16.51 9.79 -8.15
N THR B 147 16.70 8.67 -8.82
CA THR B 147 16.86 8.64 -10.28
C THR B 147 15.52 8.83 -10.91
N ARG B 148 14.48 8.13 -10.43
CA ARG B 148 13.12 8.37 -11.01
C ARG B 148 12.73 9.85 -10.90
N ASN B 149 13.11 10.53 -9.80
CA ASN B 149 12.67 11.93 -9.58
C ASN B 149 13.39 12.87 -10.54
N GLN B 150 14.65 12.58 -10.79
CA GLN B 150 15.42 13.29 -11.86
C GLN B 150 14.75 13.13 -13.22
N GLY B 151 14.36 11.90 -13.55
CA GLY B 151 13.71 11.58 -14.82
C GLY B 151 12.37 12.28 -14.94
N ASP B 152 11.62 12.26 -13.86
CA ASP B 152 10.36 12.94 -13.77
C ASP B 152 10.55 14.47 -13.98
N HIS B 153 11.56 15.05 -13.35
CA HIS B 153 11.87 16.49 -13.57
C HIS B 153 12.22 16.83 -15.00
N LEU B 154 12.95 15.96 -15.69
CA LEU B 154 13.36 16.26 -17.09
C LEU B 154 12.15 16.21 -18.03
N LEU B 155 11.35 15.17 -17.84
CA LEU B 155 10.12 15.00 -18.57
C LEU B 155 9.22 16.23 -18.49
N HIS B 156 9.07 16.72 -17.25
CA HIS B 156 8.31 17.92 -17.00
C HIS B 156 8.90 19.10 -17.67
N SER B 157 10.22 19.32 -17.52
CA SER B 157 10.86 20.56 -18.02
C SER B 157 10.84 20.62 -19.54
N THR B 158 11.22 19.51 -20.18
CA THR B 158 11.19 19.32 -21.63
C THR B 158 9.78 19.56 -22.19
N ARG B 159 8.76 19.05 -21.51
CA ARG B 159 7.40 19.19 -22.01
C ARG B 159 6.97 20.66 -21.98
N LYS B 160 7.33 21.37 -20.89
CA LYS B 160 7.02 22.82 -20.76
C LYS B 160 7.73 23.57 -21.91
N GLN B 161 8.94 23.11 -22.23
CA GLN B 161 9.71 23.71 -23.31
C GLN B 161 9.12 23.49 -24.70
N VAL B 162 8.68 22.26 -24.97
CA VAL B 162 7.92 21.91 -26.18
C VAL B 162 6.72 22.87 -26.31
N GLU B 163 5.94 23.01 -25.24
CA GLU B 163 4.74 23.87 -25.26
C GLU B 163 5.12 25.31 -25.60
N GLU B 164 5.99 25.91 -24.79
CA GLU B 164 6.52 27.28 -24.99
C GLU B 164 7.22 27.51 -26.34
N ALA B 165 7.87 26.47 -26.87
CA ALA B 165 8.52 26.55 -28.17
C ALA B 165 7.55 26.77 -29.35
N GLY B 166 6.34 26.21 -29.26
CA GLY B 166 5.37 26.31 -30.37
C GLY B 166 5.99 25.92 -31.70
N ASP B 167 5.72 26.71 -32.74
CA ASP B 167 6.24 26.39 -34.11
C ASP B 167 7.74 26.71 -34.33
N LYS B 168 8.39 27.41 -33.39
CA LYS B 168 9.84 27.71 -33.50
C LYS B 168 10.70 26.43 -33.63
N LEU B 169 10.19 25.33 -33.09
CA LEU B 169 10.86 24.01 -33.14
C LEU B 169 10.44 23.16 -34.37
N PRO B 170 11.42 22.70 -35.19
CA PRO B 170 11.09 21.93 -36.42
C PRO B 170 10.32 20.62 -36.15
N ALA B 171 9.41 20.27 -37.07
CA ALA B 171 8.45 19.20 -36.85
C ALA B 171 9.09 17.83 -36.62
N ASP B 172 10.20 17.56 -37.29
CA ASP B 172 10.89 16.30 -37.02
C ASP B 172 11.70 16.31 -35.71
N ASP B 173 12.02 17.50 -35.18
CA ASP B 173 12.60 17.56 -33.85
C ASP B 173 11.50 17.18 -32.84
N LYS B 174 10.30 17.74 -33.03
CA LYS B 174 9.16 17.41 -32.17
C LYS B 174 8.79 15.90 -32.20
N THR B 175 8.74 15.28 -33.37
CA THR B 175 8.48 13.84 -33.49
C THR B 175 9.47 13.00 -32.61
N ALA B 176 10.77 13.25 -32.77
CA ALA B 176 11.80 12.53 -32.03
C ALA B 176 11.69 12.76 -30.49
N ILE B 177 11.39 14.00 -30.11
CA ILE B 177 11.20 14.39 -28.69
C ILE B 177 10.00 13.71 -28.04
N GLU B 178 8.90 13.60 -28.76
CA GLU B 178 7.70 12.90 -28.27
C GLU B 178 7.96 11.41 -28.04
N SER B 179 8.62 10.78 -29.01
CA SER B 179 9.01 9.37 -28.87
C SER B 179 9.89 9.18 -27.64
N ALA B 180 10.85 10.09 -27.43
CA ALA B 180 11.84 9.97 -26.37
C ALA B 180 11.21 10.25 -24.98
N LEU B 181 10.25 11.18 -24.93
CA LEU B 181 9.39 11.39 -23.73
C LEU B 181 8.59 10.14 -23.34
N THR B 182 7.99 9.48 -24.33
CA THR B 182 7.23 8.28 -24.09
C THR B 182 8.14 7.16 -23.58
N ALA B 183 9.30 7.04 -24.19
CA ALA B 183 10.23 5.99 -23.80
C ALA B 183 10.72 6.28 -22.38
N LEU B 184 10.79 7.56 -22.01
CA LEU B 184 11.32 7.89 -20.67
C LEU B 184 10.27 7.59 -19.62
N GLU B 185 9.03 7.91 -19.94
CA GLU B 185 7.91 7.58 -19.05
C GLU B 185 7.76 6.07 -18.83
N THR B 186 7.88 5.31 -19.91
CA THR B 186 7.87 3.85 -19.83
C THR B 186 8.97 3.33 -18.89
N ALA B 187 10.23 3.72 -19.14
CA ALA B 187 11.38 3.44 -18.25
C ALA B 187 11.17 3.78 -16.74
N LEU B 188 10.43 4.87 -16.47
CA LEU B 188 10.25 5.35 -15.09
C LEU B 188 9.47 4.33 -14.25
N LYS B 189 8.69 3.48 -14.91
CA LYS B 189 7.89 2.47 -14.24
C LYS B 189 8.68 1.21 -13.91
N GLY B 190 9.88 1.06 -14.47
CA GLY B 190 10.79 -0.05 -14.12
C GLY B 190 11.61 0.23 -12.86
N GLU B 191 12.41 -0.74 -12.41
CA GLU B 191 13.18 -0.59 -11.16
C GLU B 191 14.70 -0.58 -11.50
N ASP B 192 15.02 -0.31 -12.76
CA ASP B 192 16.40 -0.32 -13.21
C ASP B 192 16.88 1.14 -13.41
N LYS B 193 17.85 1.60 -12.63
CA LYS B 193 18.25 3.01 -12.66
C LYS B 193 18.94 3.41 -13.98
N ALA B 194 19.84 2.53 -14.44
CA ALA B 194 20.57 2.72 -15.68
C ALA B 194 19.55 2.87 -16.82
N ALA B 195 18.51 2.06 -16.83
CA ALA B 195 17.47 2.12 -17.88
C ALA B 195 16.83 3.49 -17.95
N ILE B 196 16.58 4.06 -16.77
CA ILE B 196 16.03 5.39 -16.70
C ILE B 196 17.01 6.46 -17.21
N GLU B 197 18.24 6.42 -16.69
CA GLU B 197 19.27 7.33 -17.13
C GLU B 197 19.53 7.22 -18.64
N ALA B 198 19.45 6.01 -19.20
CA ALA B 198 19.63 5.80 -20.67
C ALA B 198 18.56 6.52 -21.49
N LYS B 199 17.31 6.44 -21.06
CA LYS B 199 16.22 7.23 -21.70
C LYS B 199 16.33 8.75 -21.52
N MET B 200 16.75 9.20 -20.34
CA MET B 200 17.03 10.63 -20.19
C MET B 200 18.05 11.10 -21.27
N GLN B 201 19.06 10.27 -21.47
CA GLN B 201 20.09 10.47 -22.49
C GLN B 201 19.51 10.54 -23.89
N GLU B 202 18.69 9.55 -24.25
CA GLU B 202 18.08 9.47 -25.57
C GLU B 202 17.20 10.67 -25.81
N LEU B 203 16.62 11.20 -24.74
CA LEU B 203 15.81 12.41 -24.84
C LEU B 203 16.67 13.64 -25.09
N ALA B 204 17.76 13.78 -24.33
CA ALA B 204 18.63 14.96 -24.43
C ALA B 204 19.29 15.03 -25.81
N GLN B 205 19.62 13.87 -26.38
CA GLN B 205 20.19 13.81 -27.74
C GLN B 205 19.24 14.33 -28.84
N VAL B 206 17.93 14.20 -28.65
CA VAL B 206 16.96 14.71 -29.66
C VAL B 206 16.47 16.14 -29.30
N SER B 207 17.08 16.71 -28.25
CA SER B 207 16.63 17.96 -27.61
C SER B 207 17.50 19.24 -27.83
N GLN B 208 18.60 19.11 -28.58
CA GLN B 208 19.61 20.19 -28.71
C GLN B 208 19.05 21.51 -29.31
N LYS B 209 18.26 21.41 -30.39
CA LYS B 209 17.63 22.58 -31.06
C LYS B 209 16.55 23.19 -30.17
N LEU B 210 15.82 22.34 -29.43
CA LEU B 210 14.86 22.82 -28.44
C LEU B 210 15.59 23.54 -27.30
N MET B 211 16.69 22.95 -26.81
CA MET B 211 17.54 23.60 -25.80
C MET B 211 18.04 24.95 -26.31
N GLU B 212 18.31 25.02 -27.62
CA GLU B 212 18.71 26.27 -28.28
C GLU B 212 17.60 27.34 -28.33
N ILE B 213 16.40 26.94 -28.77
CA ILE B 213 15.17 27.77 -28.72
C ILE B 213 14.82 28.27 -27.30
N ALA B 214 14.56 27.35 -26.35
CA ALA B 214 14.35 27.68 -24.93
C ALA B 214 15.41 28.70 -24.45
N GLN B 215 16.64 28.47 -24.88
CA GLN B 215 17.77 29.37 -24.64
C GLN B 215 17.84 30.45 -25.73
N ARG C 5 -12.06 -21.59 -5.66
CA ARG C 5 -11.40 -21.95 -4.37
C ARG C 5 -11.60 -20.84 -3.36
N PRO C 6 -12.34 -21.14 -2.24
CA PRO C 6 -12.61 -20.17 -1.17
C PRO C 6 -11.36 -19.33 -0.84
N PRO C 7 -11.46 -17.97 -0.84
CA PRO C 7 -10.28 -17.33 -0.26
C PRO C 7 -10.07 -17.66 1.23
N TYR C 8 -8.90 -17.27 1.69
CA TYR C 8 -8.48 -17.64 3.03
C TYR C 8 -8.60 -16.47 3.97
N LEU C 9 -9.05 -16.70 5.16
CA LEU C 9 -9.07 -15.63 6.16
C LEU C 9 -7.72 -15.42 6.86
N PRO C 10 -7.54 -14.30 7.58
CA PRO C 10 -6.16 -14.18 8.06
C PRO C 10 -5.70 -15.35 8.94
N ARG C 11 -4.39 -15.66 8.90
CA ARG C 11 -3.78 -16.72 9.75
C ARG C 11 -3.81 -16.28 11.24
N PRO C 12 -3.58 -17.21 12.22
CA PRO C 12 -3.63 -16.93 13.68
C PRO C 12 -2.74 -15.80 14.22
N PRO D 6 15.27 20.47 1.25
CA PRO D 6 13.91 19.99 1.50
C PRO D 6 13.47 18.89 0.52
N PRO D 7 12.92 17.79 1.05
CA PRO D 7 12.17 16.83 0.22
C PRO D 7 10.94 17.48 -0.41
N TYR D 8 10.44 16.85 -1.46
CA TYR D 8 9.36 17.45 -2.22
C TYR D 8 8.04 16.74 -2.06
N LEU D 9 6.99 17.51 -2.25
CA LEU D 9 5.64 17.02 -2.02
C LEU D 9 4.88 16.88 -3.34
N PRO D 10 4.11 15.79 -3.50
CA PRO D 10 3.24 15.64 -4.68
C PRO D 10 2.04 16.62 -4.69
N ARG D 11 1.50 16.90 -5.88
CA ARG D 11 0.31 17.73 -5.97
C ARG D 11 -0.90 16.83 -5.75
N PRO D 12 -2.07 17.43 -5.52
CA PRO D 12 -3.34 16.69 -5.50
C PRO D 12 -3.59 16.01 -6.85
N ARG D 13 -4.08 14.75 -6.83
CA ARG D 13 -4.29 13.98 -8.06
C ARG D 13 -5.30 14.64 -9.01
#